data_2NOU
#
_entry.id   2NOU
#
_entity_poly.entity_id   1
_entity_poly.type   'polypeptide(L)'
_entity_poly.pdbx_seq_one_letter_code
;AKFDKFYGLM
;
_entity_poly.pdbx_strand_id   A
#
# COMPACT_ATOMS: atom_id res chain seq x y z
N ALA A 1 5.55 -5.48 -3.29
CA ALA A 1 4.13 -5.42 -3.52
C ALA A 1 3.65 -3.98 -3.39
N LYS A 2 3.05 -3.49 -4.46
CA LYS A 2 2.55 -2.12 -4.48
C LYS A 2 1.14 -2.09 -3.86
N PHE A 3 0.49 -3.23 -3.90
CA PHE A 3 -0.85 -3.35 -3.35
C PHE A 3 -0.83 -3.20 -1.83
N ASP A 4 0.31 -3.54 -1.25
CA ASP A 4 0.47 -3.44 0.19
C ASP A 4 0.89 -2.01 0.56
N LYS A 5 1.46 -1.32 -0.42
CA LYS A 5 1.90 0.04 -0.21
C LYS A 5 0.68 0.97 -0.18
N PHE A 6 -0.36 0.56 -0.89
CA PHE A 6 -1.57 1.34 -0.96
C PHE A 6 -2.23 1.47 0.42
N TYR A 7 -2.07 0.41 1.21
CA TYR A 7 -2.63 0.40 2.55
C TYR A 7 -1.81 1.26 3.50
N GLY A 8 -0.54 1.41 3.16
CA GLY A 8 0.37 2.21 3.97
C GLY A 8 0.13 3.71 3.75
N LEU A 9 -0.36 4.03 2.56
CA LEU A 9 -0.64 5.41 2.22
C LEU A 9 -2.04 5.78 2.71
N MET A 10 -2.85 4.75 2.92
CA MET A 10 -4.21 4.95 3.39
C MET A 10 -4.23 5.38 4.86
N ALA A 1 5.53 -5.52 -3.38
CA ALA A 1 4.09 -5.45 -3.57
C ALA A 1 3.63 -4.00 -3.44
N LYS A 2 3.01 -3.51 -4.51
CA LYS A 2 2.51 -2.14 -4.53
C LYS A 2 1.12 -2.10 -3.89
N PHE A 3 0.47 -3.25 -3.91
CA PHE A 3 -0.87 -3.36 -3.34
C PHE A 3 -0.83 -3.20 -1.81
N ASP A 4 0.31 -3.54 -1.25
CA ASP A 4 0.50 -3.45 0.18
C ASP A 4 0.92 -2.03 0.56
N LYS A 5 1.48 -1.34 -0.43
CA LYS A 5 1.93 0.03 -0.22
C LYS A 5 0.72 0.96 -0.18
N PHE A 6 -0.33 0.55 -0.89
CA PHE A 6 -1.55 1.33 -0.94
C PHE A 6 -2.18 1.46 0.45
N TYR A 7 -2.02 0.40 1.23
CA TYR A 7 -2.57 0.38 2.58
C TYR A 7 -1.73 1.24 3.52
N GLY A 8 -0.46 1.40 3.17
CA GLY A 8 0.46 2.18 3.97
C GLY A 8 0.21 3.68 3.76
N LEU A 9 -0.29 4.01 2.58
CA LEU A 9 -0.56 5.40 2.24
C LEU A 9 -1.96 5.76 2.75
N MET A 10 -2.77 4.74 2.97
CA MET A 10 -4.12 4.94 3.45
C MET A 10 -4.15 5.09 4.97
N ALA A 1 5.52 -5.53 -3.30
CA ALA A 1 4.11 -5.44 -3.59
C ALA A 1 3.63 -4.00 -3.44
N LYS A 2 3.03 -3.49 -4.50
CA LYS A 2 2.54 -2.13 -4.50
C LYS A 2 1.14 -2.09 -3.87
N PHE A 3 0.48 -3.24 -3.91
CA PHE A 3 -0.86 -3.35 -3.35
C PHE A 3 -0.83 -3.20 -1.83
N ASP A 4 0.31 -3.54 -1.25
CA ASP A 4 0.48 -3.45 0.18
C ASP A 4 0.91 -2.02 0.55
N LYS A 5 1.47 -1.33 -0.43
CA LYS A 5 1.92 0.03 -0.22
C LYS A 5 0.70 0.97 -0.18
N PHE A 6 -0.35 0.55 -0.89
CA PHE A 6 -1.57 1.34 -0.95
C PHE A 6 -2.20 1.46 0.44
N TYR A 7 -2.04 0.41 1.23
CA TYR A 7 -2.59 0.38 2.57
C TYR A 7 -1.76 1.25 3.51
N GLY A 8 -0.49 1.39 3.16
CA GLY A 8 0.42 2.19 3.97
C GLY A 8 0.18 3.69 3.76
N LEU A 9 -0.32 4.01 2.58
CA LEU A 9 -0.60 5.40 2.24
C LEU A 9 -2.00 5.77 2.73
N MET A 10 -2.80 4.74 2.95
CA MET A 10 -4.16 4.94 3.43
C MET A 10 -4.20 4.98 4.96
N ALA A 1 5.47 -5.71 -3.70
CA ALA A 1 4.03 -5.56 -3.91
C ALA A 1 3.64 -4.12 -3.58
N LYS A 2 3.07 -3.46 -4.57
CA LYS A 2 2.63 -2.08 -4.40
C LYS A 2 1.23 -2.07 -3.79
N PHE A 3 0.58 -3.21 -3.85
CA PHE A 3 -0.77 -3.34 -3.31
C PHE A 3 -0.76 -3.19 -1.79
N ASP A 4 0.38 -3.52 -1.19
CA ASP A 4 0.53 -3.43 0.24
C ASP A 4 0.93 -2.00 0.62
N LYS A 5 1.49 -1.30 -0.35
CA LYS A 5 1.92 0.07 -0.15
C LYS A 5 0.70 0.99 -0.12
N PHE A 6 -0.32 0.57 -0.86
CA PHE A 6 -1.55 1.34 -0.94
C PHE A 6 -2.21 1.46 0.44
N TYR A 7 -2.06 0.41 1.23
CA TYR A 7 -2.63 0.38 2.56
C TYR A 7 -1.83 1.25 3.52
N GLY A 8 -0.55 1.41 3.20
CA GLY A 8 0.34 2.21 4.02
C GLY A 8 0.08 3.71 3.81
N LEU A 9 -0.40 4.03 2.61
CA LEU A 9 -0.69 5.41 2.27
C LEU A 9 -2.09 5.77 2.74
N MET A 10 -2.90 4.73 2.94
CA MET A 10 -4.26 4.92 3.39
C MET A 10 -4.31 5.25 4.89
N ALA A 1 5.59 -5.37 -3.17
CA ALA A 1 4.15 -5.35 -3.36
C ALA A 1 3.65 -3.91 -3.32
N LYS A 2 3.04 -3.49 -4.42
CA LYS A 2 2.51 -2.15 -4.52
C LYS A 2 1.11 -2.10 -3.89
N PHE A 3 0.44 -3.24 -3.93
CA PHE A 3 -0.90 -3.35 -3.37
C PHE A 3 -0.87 -3.19 -1.85
N ASP A 4 0.28 -3.54 -1.28
CA ASP A 4 0.44 -3.45 0.16
C ASP A 4 0.87 -2.03 0.53
N LYS A 5 1.44 -1.35 -0.45
CA LYS A 5 1.89 0.02 -0.24
C LYS A 5 0.69 0.96 -0.21
N PHE A 6 -0.36 0.55 -0.91
CA PHE A 6 -1.58 1.34 -0.97
C PHE A 6 -2.21 1.46 0.42
N TYR A 7 -2.07 0.41 1.20
CA TYR A 7 -2.62 0.38 2.54
C TYR A 7 -1.78 1.24 3.49
N GLY A 8 -0.52 1.39 3.14
CA GLY A 8 0.39 2.19 3.96
C GLY A 8 0.16 3.68 3.74
N LEU A 9 -0.33 4.00 2.56
CA LEU A 9 -0.61 5.39 2.22
C LEU A 9 -2.00 5.77 2.72
N MET A 10 -2.81 4.74 2.93
CA MET A 10 -4.17 4.95 3.41
C MET A 10 -4.22 4.99 4.94
N ALA A 1 5.55 -5.37 -3.17
CA ALA A 1 4.12 -5.35 -3.41
C ALA A 1 3.63 -3.90 -3.37
N LYS A 2 3.05 -3.47 -4.48
CA LYS A 2 2.52 -2.12 -4.58
C LYS A 2 1.11 -2.08 -3.99
N PHE A 3 0.50 -3.25 -3.89
CA PHE A 3 -0.84 -3.37 -3.34
C PHE A 3 -0.82 -3.21 -1.82
N ASP A 4 0.31 -3.55 -1.23
CA ASP A 4 0.47 -3.47 0.21
C ASP A 4 0.89 -2.05 0.58
N LYS A 5 1.46 -1.35 -0.40
CA LYS A 5 1.90 0.01 -0.18
C LYS A 5 0.69 0.95 -0.16
N PHE A 6 -0.34 0.54 -0.88
CA PHE A 6 -1.56 1.32 -0.95
C PHE A 6 -2.21 1.45 0.43
N TYR A 7 -2.07 0.39 1.21
CA TYR A 7 -2.64 0.37 2.55
C TYR A 7 -1.82 1.23 3.51
N GLY A 8 -0.54 1.39 3.17
CA GLY A 8 0.36 2.18 3.99
C GLY A 8 0.12 3.67 3.78
N LEU A 9 -0.35 4.00 2.58
CA LEU A 9 -0.63 5.38 2.24
C LEU A 9 -2.04 5.75 2.72
N MET A 10 -2.85 4.73 2.93
CA MET A 10 -4.21 4.93 3.38
C MET A 10 -4.24 5.41 4.84
N ALA A 1 3.60 -5.95 -5.00
CA ALA A 1 4.29 -5.52 -3.80
C ALA A 1 3.86 -4.10 -3.45
N LYS A 2 3.25 -3.44 -4.43
CA LYS A 2 2.79 -2.08 -4.23
C LYS A 2 1.39 -2.11 -3.59
N PHE A 3 0.68 -3.20 -3.84
CA PHE A 3 -0.66 -3.36 -3.30
C PHE A 3 -0.65 -3.20 -1.78
N ASP A 4 0.50 -3.51 -1.19
CA ASP A 4 0.65 -3.41 0.25
C ASP A 4 1.01 -1.97 0.63
N LYS A 5 1.57 -1.26 -0.35
CA LYS A 5 1.98 0.11 -0.14
C LYS A 5 0.73 1.01 -0.12
N PHE A 6 -0.28 0.58 -0.86
CA PHE A 6 -1.52 1.33 -0.92
C PHE A 6 -2.18 1.42 0.45
N TYR A 7 -2.02 0.37 1.24
CA TYR A 7 -2.58 0.33 2.58
C TYR A 7 -1.78 1.23 3.54
N GLY A 8 -0.52 1.40 3.21
CA GLY A 8 0.36 2.22 4.02
C GLY A 8 0.08 3.71 3.81
N LEU A 9 -0.41 4.03 2.62
CA LEU A 9 -0.72 5.40 2.28
C LEU A 9 -2.13 5.73 2.76
N MET A 10 -2.92 4.68 2.96
CA MET A 10 -4.29 4.85 3.42
C MET A 10 -4.33 5.32 4.87
N ALA A 1 5.45 -5.45 -2.99
CA ALA A 1 4.09 -5.38 -3.52
C ALA A 1 3.59 -3.94 -3.42
N LYS A 2 3.04 -3.46 -4.52
CA LYS A 2 2.51 -2.10 -4.56
C LYS A 2 1.12 -2.08 -3.94
N PHE A 3 0.48 -3.24 -3.94
CA PHE A 3 -0.85 -3.36 -3.37
C PHE A 3 -0.81 -3.21 -1.85
N ASP A 4 0.33 -3.55 -1.27
CA ASP A 4 0.52 -3.46 0.16
C ASP A 4 0.93 -2.04 0.53
N LYS A 5 1.48 -1.34 -0.46
CA LYS A 5 1.93 0.03 -0.25
C LYS A 5 0.71 0.96 -0.20
N PHE A 6 -0.33 0.54 -0.90
CA PHE A 6 -1.57 1.32 -0.94
C PHE A 6 -2.19 1.43 0.44
N TYR A 7 -2.03 0.37 1.22
CA TYR A 7 -2.58 0.34 2.57
C TYR A 7 -1.74 1.21 3.52
N GLY A 8 -0.47 1.36 3.17
CA GLY A 8 0.44 2.16 3.97
C GLY A 8 0.19 3.66 3.77
N LEU A 9 -0.32 3.98 2.58
CA LEU A 9 -0.60 5.37 2.25
C LEU A 9 -2.00 5.73 2.75
N MET A 10 -2.80 4.69 2.97
CA MET A 10 -4.16 4.89 3.46
C MET A 10 -4.17 5.12 4.97
N ALA A 1 3.62 -5.93 -5.10
CA ALA A 1 4.15 -5.57 -3.80
C ALA A 1 3.71 -4.16 -3.43
N LYS A 2 3.25 -3.43 -4.44
CA LYS A 2 2.79 -2.07 -4.25
C LYS A 2 1.39 -2.10 -3.60
N PHE A 3 0.70 -3.22 -3.81
CA PHE A 3 -0.63 -3.38 -3.27
C PHE A 3 -0.62 -3.20 -1.74
N ASP A 4 0.52 -3.51 -1.15
CA ASP A 4 0.67 -3.39 0.29
C ASP A 4 1.05 -1.95 0.64
N LYS A 5 1.60 -1.26 -0.34
CA LYS A 5 2.02 0.11 -0.15
C LYS A 5 0.78 1.02 -0.14
N PHE A 6 -0.25 0.57 -0.84
CA PHE A 6 -1.49 1.33 -0.92
C PHE A 6 -2.14 1.45 0.47
N TYR A 7 -1.96 0.41 1.25
CA TYR A 7 -2.52 0.40 2.60
C TYR A 7 -1.72 1.29 3.54
N GLY A 8 -0.45 1.47 3.20
CA GLY A 8 0.44 2.29 4.01
C GLY A 8 0.16 3.78 3.77
N LEU A 9 -0.33 4.08 2.58
CA LEU A 9 -0.65 5.45 2.21
C LEU A 9 -2.05 5.80 2.70
N MET A 10 -2.85 4.75 2.92
CA MET A 10 -4.20 4.92 3.39
C MET A 10 -4.23 5.38 4.85
N ALA A 1 2.99 -6.38 -3.59
CA ALA A 1 4.08 -5.42 -3.66
C ALA A 1 3.53 -4.01 -3.45
N LYS A 2 3.29 -3.32 -4.56
CA LYS A 2 2.77 -1.97 -4.52
C LYS A 2 1.36 -2.00 -3.92
N PHE A 3 0.82 -3.21 -3.80
CA PHE A 3 -0.51 -3.38 -3.25
C PHE A 3 -0.51 -3.19 -1.73
N ASP A 4 0.65 -3.47 -1.14
CA ASP A 4 0.80 -3.34 0.31
C ASP A 4 1.15 -1.89 0.65
N LYS A 5 1.68 -1.19 -0.34
CA LYS A 5 2.06 0.20 -0.16
C LYS A 5 0.80 1.07 -0.15
N PHE A 6 -0.21 0.60 -0.86
CA PHE A 6 -1.47 1.32 -0.94
C PHE A 6 -2.12 1.44 0.43
N TYR A 7 -1.92 0.40 1.24
CA TYR A 7 -2.48 0.38 2.58
C TYR A 7 -1.71 1.30 3.52
N GLY A 8 -0.44 1.50 3.18
CA GLY A 8 0.42 2.36 3.98
C GLY A 8 0.11 3.83 3.74
N LEU A 9 -0.39 4.11 2.54
CA LEU A 9 -0.74 5.48 2.18
C LEU A 9 -2.16 5.79 2.66
N MET A 10 -2.91 4.72 2.89
CA MET A 10 -4.29 4.87 3.34
C MET A 10 -4.32 5.33 4.80
N ALA A 1 3.88 -5.91 -4.58
CA ALA A 1 4.22 -5.33 -3.30
C ALA A 1 3.66 -3.91 -3.21
N LYS A 2 3.29 -3.38 -4.37
CA LYS A 2 2.74 -2.05 -4.44
C LYS A 2 1.33 -2.05 -3.86
N PHE A 3 0.74 -3.23 -3.85
CA PHE A 3 -0.62 -3.38 -3.32
C PHE A 3 -0.63 -3.23 -1.79
N ASP A 4 0.51 -3.54 -1.19
CA ASP A 4 0.65 -3.43 0.25
C ASP A 4 1.01 -2.00 0.63
N LYS A 5 1.57 -1.29 -0.34
CA LYS A 5 1.98 0.08 -0.12
C LYS A 5 0.73 0.98 -0.12
N PHE A 6 -0.28 0.53 -0.85
CA PHE A 6 -1.52 1.29 -0.94
C PHE A 6 -2.19 1.41 0.43
N TYR A 7 -2.02 0.36 1.22
CA TYR A 7 -2.60 0.35 2.56
C TYR A 7 -1.79 1.23 3.52
N GLY A 8 -0.53 1.41 3.18
CA GLY A 8 0.35 2.22 4.00
C GLY A 8 0.07 3.71 3.78
N LEU A 9 -0.41 4.04 2.59
CA LEU A 9 -0.72 5.41 2.25
C LEU A 9 -2.14 5.74 2.72
N MET A 10 -2.92 4.68 2.92
CA MET A 10 -4.29 4.84 3.36
C MET A 10 -4.34 5.32 4.82
N ALA A 1 3.34 -6.15 -4.21
CA ALA A 1 4.20 -5.37 -3.34
C ALA A 1 3.63 -3.94 -3.23
N LYS A 2 3.29 -3.39 -4.38
CA LYS A 2 2.75 -2.04 -4.42
C LYS A 2 1.35 -2.04 -3.82
N PHE A 3 0.74 -3.22 -3.84
CA PHE A 3 -0.61 -3.37 -3.29
C PHE A 3 -0.60 -3.19 -1.77
N ASP A 4 0.54 -3.48 -1.17
CA ASP A 4 0.69 -3.37 0.26
C ASP A 4 1.06 -1.93 0.62
N LYS A 5 1.61 -1.23 -0.37
CA LYS A 5 2.00 0.16 -0.17
C LYS A 5 0.75 1.04 -0.16
N PHE A 6 -0.26 0.59 -0.88
CA PHE A 6 -1.50 1.33 -0.96
C PHE A 6 -2.16 1.45 0.42
N TYR A 7 -1.99 0.41 1.22
CA TYR A 7 -2.55 0.39 2.55
C TYR A 7 -1.75 1.30 3.50
N GLY A 8 -0.48 1.48 3.16
CA GLY A 8 0.38 2.32 3.96
C GLY A 8 0.09 3.81 3.73
N LEU A 9 -0.40 4.10 2.54
CA LEU A 9 -0.72 5.46 2.17
C LEU A 9 -2.14 5.80 2.65
N MET A 10 -2.92 4.73 2.87
CA MET A 10 -4.29 4.89 3.33
C MET A 10 -4.33 5.21 4.83
N ALA A 1 4.54 -4.80 -5.45
CA ALA A 1 4.60 -4.86 -4.00
C ALA A 1 3.84 -3.68 -3.41
N LYS A 2 3.65 -2.66 -4.23
CA LYS A 2 2.94 -1.46 -3.80
C LYS A 2 1.48 -1.83 -3.50
N PHE A 3 1.11 -3.03 -3.92
CA PHE A 3 -0.25 -3.51 -3.70
C PHE A 3 -0.61 -3.48 -2.21
N ASP A 4 0.33 -3.92 -1.41
CA ASP A 4 0.13 -3.96 0.03
C ASP A 4 0.50 -2.60 0.62
N LYS A 5 1.19 -1.81 -0.17
CA LYS A 5 1.61 -0.49 0.26
C LYS A 5 0.40 0.46 0.24
N PHE A 6 -0.65 0.01 -0.44
CA PHE A 6 -1.86 0.80 -0.54
C PHE A 6 -2.38 1.18 0.85
N TYR A 7 -2.21 0.26 1.78
CA TYR A 7 -2.66 0.48 3.14
C TYR A 7 -1.72 1.45 3.88
N GLY A 8 -0.49 1.48 3.43
CA GLY A 8 0.51 2.35 4.02
C GLY A 8 0.31 3.80 3.59
N LEU A 9 -0.26 3.95 2.40
CA LEU A 9 -0.52 5.27 1.86
C LEU A 9 -1.86 5.79 2.38
N MET A 10 -2.68 4.85 2.82
CA MET A 10 -3.99 5.19 3.34
C MET A 10 -3.88 5.87 4.69
N ALA A 1 5.57 -5.39 -3.24
CA ALA A 1 4.13 -5.37 -3.43
C ALA A 1 3.64 -3.92 -3.37
N LYS A 2 3.03 -3.49 -4.47
CA LYS A 2 2.51 -2.14 -4.55
C LYS A 2 1.11 -2.09 -3.94
N PHE A 3 0.47 -3.25 -3.92
CA PHE A 3 -0.86 -3.37 -3.36
C PHE A 3 -0.85 -3.22 -1.83
N ASP A 4 0.30 -3.56 -1.26
CA ASP A 4 0.47 -3.48 0.18
C ASP A 4 0.88 -2.05 0.56
N LYS A 5 1.45 -1.36 -0.42
CA LYS A 5 1.90 0.00 -0.21
C LYS A 5 0.69 0.94 -0.17
N PHE A 6 -0.36 0.53 -0.89
CA PHE A 6 -1.57 1.32 -0.95
C PHE A 6 -2.20 1.45 0.44
N TYR A 7 -2.06 0.39 1.22
CA TYR A 7 -2.62 0.38 2.56
C TYR A 7 -1.78 1.24 3.51
N GLY A 8 -0.51 1.38 3.15
CA GLY A 8 0.40 2.18 3.97
C GLY A 8 0.18 3.67 3.74
N LEU A 9 -0.33 3.99 2.55
CA LEU A 9 -0.59 5.37 2.20
C LEU A 9 -1.97 5.77 2.72
N MET A 10 -2.80 4.77 2.92
CA MET A 10 -4.15 5.00 3.42
C MET A 10 -4.19 4.96 4.95
N ALA A 1 4.45 -5.01 -5.12
CA ALA A 1 4.55 -4.85 -3.68
C ALA A 1 3.78 -3.60 -3.25
N LYS A 2 3.59 -2.71 -4.22
CA LYS A 2 2.88 -1.47 -3.97
C LYS A 2 1.42 -1.78 -3.62
N PHE A 3 1.00 -2.97 -4.02
CA PHE A 3 -0.37 -3.40 -3.76
C PHE A 3 -0.65 -3.44 -2.24
N ASP A 4 0.36 -3.87 -1.50
CA ASP A 4 0.23 -3.95 -0.05
C ASP A 4 0.58 -2.60 0.56
N LYS A 5 1.26 -1.78 -0.23
CA LYS A 5 1.65 -0.46 0.23
C LYS A 5 0.44 0.47 0.23
N PHE A 6 -0.61 0.01 -0.45
CA PHE A 6 -1.84 0.78 -0.54
C PHE A 6 -2.35 1.16 0.85
N TYR A 7 -2.15 0.24 1.79
CA TYR A 7 -2.59 0.46 3.16
C TYR A 7 -1.67 1.44 3.87
N GLY A 8 -0.42 1.49 3.41
CA GLY A 8 0.56 2.38 3.99
C GLY A 8 0.34 3.82 3.56
N LEU A 9 -0.25 3.96 2.37
CA LEU A 9 -0.52 5.28 1.81
C LEU A 9 -1.86 5.78 2.35
N MET A 10 -2.68 4.83 2.80
CA MET A 10 -3.98 5.15 3.34
C MET A 10 -3.86 5.85 4.69
N ALA A 1 5.16 -5.33 -2.52
CA ALA A 1 4.22 -5.08 -3.60
C ALA A 1 3.55 -3.72 -3.38
N LYS A 2 3.29 -3.05 -4.49
CA LYS A 2 2.66 -1.74 -4.43
C LYS A 2 1.24 -1.89 -3.88
N PHE A 3 0.66 -3.06 -4.10
CA PHE A 3 -0.68 -3.34 -3.62
C PHE A 3 -0.74 -3.30 -2.10
N ASP A 4 0.37 -3.65 -1.49
CA ASP A 4 0.46 -3.67 -0.04
C ASP A 4 0.82 -2.26 0.47
N LYS A 5 1.39 -1.49 -0.43
CA LYS A 5 1.79 -0.12 -0.11
C LYS A 5 0.54 0.76 -0.05
N PHE A 6 -0.50 0.32 -0.74
CA PHE A 6 -1.74 1.07 -0.77
C PHE A 6 -2.28 1.30 0.64
N TYR A 7 -2.17 0.27 1.47
CA TYR A 7 -2.63 0.36 2.84
C TYR A 7 -1.74 1.29 3.66
N GLY A 8 -0.49 1.41 3.22
CA GLY A 8 0.47 2.26 3.91
C GLY A 8 0.21 3.74 3.60
N LEU A 9 -0.37 3.97 2.43
CA LEU A 9 -0.67 5.32 2.00
C LEU A 9 -2.03 5.73 2.55
N MET A 10 -2.83 4.73 2.91
CA MET A 10 -4.15 4.97 3.46
C MET A 10 -4.07 5.34 4.94
N ALA A 1 5.15 -5.31 -2.41
CA ALA A 1 4.19 -5.09 -3.49
C ALA A 1 3.53 -3.73 -3.32
N LYS A 2 3.25 -3.10 -4.45
CA LYS A 2 2.62 -1.79 -4.45
C LYS A 2 1.21 -1.92 -3.87
N PHE A 3 0.62 -3.08 -4.08
CA PHE A 3 -0.73 -3.34 -3.59
C PHE A 3 -0.78 -3.29 -2.07
N ASP A 4 0.34 -3.64 -1.45
CA ASP A 4 0.44 -3.63 0.00
C ASP A 4 0.81 -2.23 0.48
N LYS A 5 1.38 -1.47 -0.45
CA LYS A 5 1.79 -0.11 -0.13
C LYS A 5 0.55 0.79 -0.08
N PHE A 6 -0.50 0.36 -0.76
CA PHE A 6 -1.74 1.10 -0.79
C PHE A 6 -2.26 1.36 0.62
N TYR A 7 -2.14 0.34 1.46
CA TYR A 7 -2.60 0.44 2.83
C TYR A 7 -1.70 1.37 3.64
N GLY A 8 -0.45 1.47 3.19
CA GLY A 8 0.52 2.33 3.86
C GLY A 8 0.26 3.81 3.53
N LEU A 9 -0.32 4.03 2.37
CA LEU A 9 -0.61 5.38 1.93
C LEU A 9 -1.97 5.81 2.49
N MET A 10 -2.77 4.82 2.85
CA MET A 10 -4.08 5.07 3.41
C MET A 10 -4.00 5.39 4.89
N ALA A 1 4.14 -5.60 -4.56
CA ALA A 1 4.41 -5.02 -3.25
C ALA A 1 3.74 -3.64 -3.15
N LYS A 2 3.38 -3.13 -4.32
CA LYS A 2 2.74 -1.82 -4.38
C LYS A 2 1.30 -1.93 -3.84
N PHE A 3 0.73 -3.12 -4.01
CA PHE A 3 -0.62 -3.37 -3.55
C PHE A 3 -0.70 -3.33 -2.02
N ASP A 4 0.42 -3.69 -1.40
CA ASP A 4 0.50 -3.70 0.05
C ASP A 4 0.86 -2.30 0.55
N LYS A 5 1.46 -1.51 -0.35
CA LYS A 5 1.85 -0.16 -0.02
C LYS A 5 0.62 0.74 0.02
N PHE A 6 -0.41 0.30 -0.69
CA PHE A 6 -1.66 1.05 -0.76
C PHE A 6 -2.22 1.29 0.65
N TYR A 7 -2.13 0.26 1.48
CA TYR A 7 -2.61 0.35 2.84
C TYR A 7 -1.74 1.28 3.68
N GLY A 8 -0.48 1.39 3.27
CA GLY A 8 0.47 2.24 3.97
C GLY A 8 0.21 3.71 3.66
N LEU A 9 -0.33 3.94 2.47
CA LEU A 9 -0.61 5.30 2.04
C LEU A 9 -1.99 5.72 2.57
N MET A 10 -2.79 4.72 2.90
CA MET A 10 -4.12 4.97 3.42
C MET A 10 -4.07 5.48 4.86
N ALA A 1 5.83 -5.04 -3.64
CA ALA A 1 4.42 -5.02 -4.01
C ALA A 1 3.79 -3.70 -3.56
N LYS A 2 3.29 -2.95 -4.54
CA LYS A 2 2.68 -1.68 -4.26
C LYS A 2 1.21 -1.89 -3.87
N PHE A 3 0.81 -3.16 -3.91
CA PHE A 3 -0.55 -3.51 -3.56
C PHE A 3 -0.78 -3.41 -2.05
N ASP A 4 0.23 -3.84 -1.31
CA ASP A 4 0.16 -3.80 0.15
C ASP A 4 0.57 -2.42 0.64
N LYS A 5 1.23 -1.68 -0.25
CA LYS A 5 1.70 -0.34 0.08
C LYS A 5 0.50 0.62 0.08
N PHE A 6 -0.57 0.19 -0.58
CA PHE A 6 -1.77 0.99 -0.68
C PHE A 6 -2.32 1.31 0.72
N TYR A 7 -2.27 0.31 1.58
CA TYR A 7 -2.76 0.47 2.94
C TYR A 7 -1.85 1.37 3.75
N GLY A 8 -0.59 1.40 3.34
CA GLY A 8 0.40 2.23 4.01
C GLY A 8 0.23 3.71 3.65
N LEU A 9 -0.30 3.93 2.46
CA LEU A 9 -0.52 5.28 1.98
C LEU A 9 -1.88 5.79 2.48
N MET A 10 -2.72 4.84 2.85
CA MET A 10 -4.04 5.17 3.36
C MET A 10 -3.99 5.46 4.85
N ALA A 1 3.91 -5.67 -4.70
CA ALA A 1 4.48 -5.08 -3.50
C ALA A 1 3.88 -3.69 -3.29
N LYS A 2 3.38 -3.14 -4.38
CA LYS A 2 2.78 -1.81 -4.33
C LYS A 2 1.34 -1.93 -3.81
N PHE A 3 0.78 -3.11 -3.98
CA PHE A 3 -0.57 -3.37 -3.54
C PHE A 3 -0.67 -3.34 -2.01
N ASP A 4 0.42 -3.71 -1.38
CA ASP A 4 0.48 -3.74 0.08
C ASP A 4 0.85 -2.35 0.59
N LYS A 5 1.45 -1.57 -0.30
CA LYS A 5 1.86 -0.22 0.05
C LYS A 5 0.64 0.69 0.08
N PHE A 6 -0.39 0.27 -0.63
CA PHE A 6 -1.63 1.03 -0.70
C PHE A 6 -2.19 1.27 0.71
N TYR A 7 -2.12 0.23 1.53
CA TYR A 7 -2.61 0.32 2.89
C TYR A 7 -1.81 1.34 3.71
N GLY A 8 -0.54 1.45 3.35
CA GLY A 8 0.34 2.38 4.04
C GLY A 8 0.11 3.82 3.57
N LEU A 9 -0.41 3.93 2.35
CA LEU A 9 -0.69 5.23 1.77
C LEU A 9 -1.93 5.82 2.42
N MET A 10 -2.82 4.93 2.84
CA MET A 10 -4.05 5.36 3.48
C MET A 10 -3.88 5.45 5.00
#